data_2F17
#
_entry.id   2F17
#
_cell.length_a   89.363
_cell.length_b   89.363
_cell.length_c   141.430
_cell.angle_alpha   90.00
_cell.angle_beta   90.00
_cell.angle_gamma   120.00
#
_symmetry.space_group_name_H-M   'P 31 2 1'
#
loop_
_entity.id
_entity.type
_entity.pdbx_description
1 polymer 'Thiamin pyrophosphokinase 1'
2 non-polymer 'MAGNESIUM ION'
3 non-polymer 'SULFATE ION'
4 non-polymer 1-[(4-AMINO-2-METHYLPYRIMIDIN-5-YL)METHYL]-3-(2-{[HYDROXY(PHOSPHONOOXY)PHOSPHORYL]OXY}ETHYL)-2-METHYLPYRIDINIUM
5 non-polymer 'ADENOSINE MONOPHOSPHATE'
6 non-polymer '4-(2-HYDROXYETHYL)-1-PIPERAZINE ETHANESULFONIC ACID'
7 water water
#
_entity_poly.entity_id   1
_entity_poly.type   'polypeptide(L)'
_entity_poly.pdbx_seq_one_letter_code
;MGSSHHHHHHSSGLVPRGSHMEHAFTPLEPLLPTGNLKYCLVVLNQPLDARFRHLWKKALLRACADGGANHLYDLTEGER
ESFLPEFVSGDFDSIRPEVKEYYTKKGCDLISTPDQDHTDFTKCLQVLQRKIEEKELQVDVIVTLGGLGGRFDQIMASVN
TLFQATHITPVPIIIIQKDSLIYLLQPGKHRLHVDTGMEGSWCGLIPVGQPCNQVTTTGLKWNLTNDVLGFGTLVSTSNT
YDGSGLVTVETDHPLLWTMAIKS
;
_entity_poly.pdbx_strand_id   A,B
#
# COMPACT_ATOMS: atom_id res chain seq x y z
N HIS A 9 -21.25 3.57 43.40
CA HIS A 9 -22.73 3.47 43.52
C HIS A 9 -23.13 3.64 44.98
N HIS A 10 -23.02 2.59 45.79
CA HIS A 10 -23.39 2.67 47.21
C HIS A 10 -22.22 3.18 48.05
N SER A 11 -22.00 4.48 48.09
CA SER A 11 -20.85 4.97 48.84
C SER A 11 -21.05 6.28 49.60
N SER A 12 -21.52 7.30 48.88
CA SER A 12 -21.78 8.64 49.43
C SER A 12 -20.73 9.64 48.97
N GLY A 13 -21.13 10.90 48.88
CA GLY A 13 -20.23 11.94 48.43
C GLY A 13 -20.14 11.90 46.91
N LEU A 14 -19.38 12.82 46.33
CA LEU A 14 -19.23 12.84 44.88
C LEU A 14 -18.61 11.53 44.41
N VAL A 15 -19.02 11.08 43.23
CA VAL A 15 -18.49 9.84 42.67
C VAL A 15 -18.55 9.89 41.15
N PRO A 16 -17.39 9.73 40.48
CA PRO A 16 -17.40 9.77 39.02
C PRO A 16 -18.42 8.79 38.45
N ARG A 17 -19.20 9.24 37.49
CA ARG A 17 -20.20 8.40 36.85
C ARG A 17 -20.07 8.57 35.36
N GLY A 18 -20.43 7.53 34.61
CA GLY A 18 -20.28 7.60 33.18
C GLY A 18 -18.78 7.41 33.06
N SER A 19 -18.30 7.05 31.89
CA SER A 19 -16.87 6.83 31.66
C SER A 19 -16.73 5.58 30.83
N HIS A 20 -15.95 5.70 29.77
CA HIS A 20 -15.68 4.58 28.90
C HIS A 20 -14.21 4.77 28.60
N MET A 21 -13.46 3.68 28.56
CA MET A 21 -12.05 3.80 28.28
C MET A 21 -11.81 4.18 26.82
N GLU A 22 -10.77 4.97 26.59
CA GLU A 22 -10.41 5.37 25.24
C GLU A 22 -8.92 5.15 25.05
N HIS A 23 -8.54 4.76 23.84
CA HIS A 23 -7.14 4.51 23.51
C HIS A 23 -6.46 5.82 23.10
N ALA A 24 -5.66 6.39 24.00
CA ALA A 24 -4.95 7.65 23.71
C ALA A 24 -3.58 7.37 23.11
N PHE A 25 -3.42 7.61 21.81
CA PHE A 25 -2.13 7.34 21.14
C PHE A 25 -1.58 8.57 20.42
N THR A 26 -0.25 8.65 20.32
CA THR A 26 0.44 9.74 19.63
C THR A 26 1.39 9.09 18.63
N PRO A 27 0.92 8.87 17.39
CA PRO A 27 1.65 8.26 16.27
C PRO A 27 3.12 8.62 16.06
N LEU A 28 3.36 9.81 15.51
CA LEU A 28 4.71 10.27 15.20
C LEU A 28 5.54 10.77 16.37
N GLU A 29 5.26 10.32 17.57
CA GLU A 29 6.04 10.76 18.72
C GLU A 29 7.49 10.26 18.66
N PRO A 30 7.68 8.98 18.33
CA PRO A 30 9.04 8.44 18.24
C PRO A 30 9.97 9.25 17.34
N LEU A 31 9.39 10.03 16.43
CA LEU A 31 10.17 10.85 15.51
C LEU A 31 10.63 12.17 16.14
N LEU A 32 10.13 12.45 17.34
CA LEU A 32 10.50 13.67 18.06
C LEU A 32 11.88 13.52 18.68
N PRO A 33 12.77 14.48 18.43
CA PRO A 33 14.13 14.45 18.96
C PRO A 33 14.18 14.06 20.44
N THR A 34 13.84 15.01 21.30
CA THR A 34 13.83 14.76 22.72
C THR A 34 12.65 13.83 23.02
N GLY A 35 12.18 13.85 24.26
CA GLY A 35 11.09 12.99 24.65
C GLY A 35 11.67 11.68 25.14
N ASN A 36 10.88 10.86 25.82
CA ASN A 36 11.33 9.58 26.39
C ASN A 36 10.27 8.48 26.29
N LEU A 37 9.93 8.08 25.06
CA LEU A 37 8.88 7.09 24.82
C LEU A 37 9.05 5.70 25.41
N LYS A 38 10.05 4.97 24.93
CA LYS A 38 10.32 3.60 25.34
C LYS A 38 9.71 2.74 24.26
N TYR A 39 10.50 2.47 23.23
CA TYR A 39 10.03 1.69 22.09
C TYR A 39 11.09 0.78 21.48
N CYS A 40 10.63 -0.21 20.71
CA CYS A 40 11.52 -1.15 20.02
C CYS A 40 11.53 -0.76 18.55
N LEU A 41 12.60 -1.12 17.86
CA LEU A 41 12.73 -0.79 16.45
C LEU A 41 12.91 -2.04 15.60
N VAL A 42 12.13 -2.12 14.53
CA VAL A 42 12.20 -3.26 13.62
C VAL A 42 12.51 -2.77 12.22
N VAL A 43 13.58 -3.29 11.64
CA VAL A 43 13.99 -2.92 10.29
C VAL A 43 13.62 -3.98 9.27
N LEU A 44 12.83 -3.60 8.28
CA LEU A 44 12.41 -4.55 7.25
C LEU A 44 13.29 -4.41 6.01
N ASN A 45 13.08 -5.30 5.05
CA ASN A 45 13.87 -5.28 3.83
C ASN A 45 13.47 -4.19 2.85
N GLN A 46 13.88 -2.97 3.15
CA GLN A 46 13.58 -1.81 2.33
C GLN A 46 14.61 -0.72 2.60
N PRO A 47 14.79 0.19 1.64
CA PRO A 47 15.75 1.30 1.80
C PRO A 47 15.50 2.03 3.10
N LEU A 48 16.56 2.22 3.89
CA LEU A 48 16.39 2.92 5.16
C LEU A 48 16.31 4.43 4.98
N ASP A 49 15.29 5.03 5.58
CA ASP A 49 15.09 6.47 5.52
C ASP A 49 16.03 7.12 6.53
N ALA A 50 16.51 8.32 6.21
CA ALA A 50 17.45 9.03 7.09
C ALA A 50 17.08 9.09 8.57
N ARG A 51 15.78 9.15 8.86
CA ARG A 51 15.32 9.24 10.26
C ARG A 51 15.70 8.01 11.09
N PHE A 52 16.20 6.96 10.42
CA PHE A 52 16.55 5.73 11.12
C PHE A 52 17.62 5.87 12.19
N ARG A 53 18.64 6.68 11.95
CA ARG A 53 19.71 6.83 12.95
C ARG A 53 19.20 7.34 14.30
N HIS A 54 18.42 8.41 14.28
CA HIS A 54 17.87 8.95 15.52
C HIS A 54 16.96 7.94 16.22
N LEU A 55 16.16 7.22 15.43
CA LEU A 55 15.25 6.23 15.97
C LEU A 55 16.01 5.08 16.62
N TRP A 56 17.13 4.71 16.00
CA TRP A 56 17.96 3.62 16.50
C TRP A 56 18.58 3.98 17.85
N LYS A 57 19.09 5.20 17.93
CA LYS A 57 19.73 5.71 19.13
C LYS A 57 18.91 5.51 20.41
N LYS A 58 17.65 5.96 20.39
CA LYS A 58 16.81 5.85 21.58
C LYS A 58 15.96 4.58 21.70
N ALA A 59 16.07 3.67 20.75
CA ALA A 59 15.29 2.44 20.82
C ALA A 59 15.77 1.56 21.96
N LEU A 60 14.84 0.86 22.60
CA LEU A 60 15.15 -0.03 23.71
C LEU A 60 15.71 -1.34 23.18
N LEU A 61 15.25 -1.71 22.00
CA LEU A 61 15.66 -2.96 21.37
C LEU A 61 15.53 -2.78 19.86
N ARG A 62 16.49 -3.31 19.10
CA ARG A 62 16.44 -3.22 17.65
C ARG A 62 16.62 -4.61 17.06
N ALA A 63 15.97 -4.84 15.93
CA ALA A 63 16.07 -6.11 15.25
C ALA A 63 15.91 -5.91 13.75
N CYS A 64 16.23 -6.94 12.99
CA CYS A 64 16.11 -6.86 11.54
C CYS A 64 15.42 -8.11 11.01
N ALA A 65 14.60 -7.92 9.98
CA ALA A 65 13.91 -9.04 9.37
C ALA A 65 14.64 -9.38 8.07
N ASP A 66 15.30 -10.54 8.05
CA ASP A 66 16.04 -11.00 6.90
C ASP A 66 16.77 -9.87 6.17
N GLY A 67 16.31 -9.56 4.95
CA GLY A 67 16.95 -8.51 4.17
C GLY A 67 17.22 -7.22 4.90
N GLY A 68 16.40 -6.91 5.90
CA GLY A 68 16.57 -5.69 6.65
C GLY A 68 17.99 -5.48 7.10
N ALA A 69 18.68 -6.58 7.41
CA ALA A 69 20.07 -6.51 7.84
C ALA A 69 20.98 -5.99 6.73
N ASN A 70 20.71 -6.38 5.49
CA ASN A 70 21.53 -5.92 4.37
C ASN A 70 21.48 -4.40 4.29
N HIS A 71 20.28 -3.85 4.38
CA HIS A 71 20.08 -2.40 4.30
C HIS A 71 20.74 -1.67 5.46
N LEU A 72 20.73 -2.28 6.64
CA LEU A 72 21.36 -1.66 7.80
C LEU A 72 22.87 -1.71 7.63
N TYR A 73 23.36 -2.88 7.25
CA TYR A 73 24.79 -3.09 7.05
C TYR A 73 25.35 -2.10 6.03
N ASP A 74 24.69 -1.99 4.88
CA ASP A 74 25.15 -1.09 3.82
C ASP A 74 25.07 0.41 4.07
N LEU A 75 24.26 0.84 5.03
CA LEU A 75 24.12 2.28 5.28
C LEU A 75 24.85 2.76 6.53
N THR A 76 25.60 1.87 7.16
CA THR A 76 26.32 2.22 8.39
C THR A 76 27.81 1.92 8.36
N GLU A 77 28.44 2.10 7.20
CA GLU A 77 29.87 1.86 7.10
C GLU A 77 30.70 2.82 7.95
N GLY A 78 31.76 2.31 8.56
CA GLY A 78 32.62 3.13 9.39
C GLY A 78 32.12 3.27 10.82
N GLU A 79 30.89 2.85 11.06
CA GLU A 79 30.29 2.95 12.38
C GLU A 79 29.32 1.80 12.68
N ARG A 80 29.49 0.69 11.98
CA ARG A 80 28.61 -0.48 12.15
C ARG A 80 28.59 -1.05 13.55
N GLU A 81 29.70 -0.91 14.28
CA GLU A 81 29.74 -1.42 15.65
C GLU A 81 28.84 -0.57 16.53
N SER A 82 28.40 0.57 15.98
CA SER A 82 27.50 1.46 16.70
C SER A 82 26.06 1.12 16.32
N PHE A 83 25.91 0.26 15.32
CA PHE A 83 24.58 -0.18 14.87
C PHE A 83 24.51 -1.69 14.82
N LEU A 84 24.65 -2.32 15.97
CA LEU A 84 24.59 -3.77 16.06
C LEU A 84 23.23 -4.19 16.62
N PRO A 85 22.42 -4.88 15.81
CA PRO A 85 21.09 -5.34 16.21
C PRO A 85 21.18 -6.27 17.42
N GLU A 86 20.09 -6.35 18.19
CA GLU A 86 20.03 -7.22 19.35
C GLU A 86 19.82 -8.62 18.78
N PHE A 87 19.15 -8.68 17.64
CA PHE A 87 18.90 -9.95 16.96
C PHE A 87 18.43 -9.74 15.53
N VAL A 88 18.77 -10.70 14.67
CA VAL A 88 18.39 -10.67 13.27
C VAL A 88 17.63 -11.98 13.00
N SER A 89 16.33 -11.86 12.78
CA SER A 89 15.52 -13.02 12.52
C SER A 89 15.03 -13.01 11.10
N GLY A 90 14.58 -14.16 10.62
CA GLY A 90 14.09 -14.23 9.27
C GLY A 90 14.36 -15.62 8.72
N ASP A 91 14.60 -15.74 7.43
CA ASP A 91 14.89 -17.07 6.93
C ASP A 91 16.18 -17.07 6.13
N PHE A 92 16.84 -15.93 6.09
CA PHE A 92 18.12 -15.80 5.38
C PHE A 92 18.10 -16.08 3.87
N ASP A 93 17.00 -15.73 3.17
CA ASP A 93 16.80 -15.85 1.70
C ASP A 93 16.90 -14.46 1.24
N SER A 94 17.63 -13.72 2.04
CA SER A 94 17.83 -12.37 1.68
C SER A 94 19.12 -11.79 2.22
N ILE A 95 19.51 -12.11 3.44
CA ILE A 95 20.74 -11.52 3.95
C ILE A 95 21.97 -12.16 3.32
N ARG A 96 22.85 -11.30 2.82
CA ARG A 96 24.08 -11.71 2.18
C ARG A 96 24.99 -12.46 3.14
N PRO A 97 25.75 -13.44 2.63
CA PRO A 97 26.67 -14.26 3.43
C PRO A 97 27.54 -13.42 4.36
N GLU A 98 28.20 -12.42 3.78
CA GLU A 98 29.10 -11.56 4.53
C GLU A 98 28.38 -10.76 5.61
N VAL A 99 27.15 -10.35 5.32
CA VAL A 99 26.37 -9.60 6.30
C VAL A 99 25.94 -10.52 7.44
N LYS A 100 25.56 -11.75 7.10
CA LYS A 100 25.16 -12.71 8.12
C LYS A 100 26.35 -13.00 9.01
N GLU A 101 27.51 -13.08 8.38
CA GLU A 101 28.77 -13.35 9.05
C GLU A 101 29.09 -12.25 10.05
N TYR A 102 29.24 -11.03 9.54
CA TYR A 102 29.57 -9.87 10.38
C TYR A 102 28.76 -9.79 11.67
N TYR A 103 27.44 -9.76 11.56
CA TYR A 103 26.60 -9.66 12.73
C TYR A 103 26.70 -10.86 13.67
N THR A 104 27.06 -12.01 13.13
CA THR A 104 27.21 -13.20 13.95
C THR A 104 28.49 -13.12 14.77
N LYS A 105 29.55 -12.57 14.18
CA LYS A 105 30.82 -12.47 14.88
C LYS A 105 30.81 -11.36 15.92
N LYS A 106 29.97 -10.34 15.71
CA LYS A 106 29.89 -9.24 16.65
C LYS A 106 28.95 -9.53 17.83
N GLY A 107 28.36 -10.72 17.84
CA GLY A 107 27.48 -11.09 18.93
C GLY A 107 25.98 -11.05 18.66
N CYS A 108 25.57 -10.56 17.50
CA CYS A 108 24.16 -10.47 17.18
C CYS A 108 23.53 -11.87 17.15
N ASP A 109 22.31 -11.95 17.68
CA ASP A 109 21.58 -13.22 17.74
C ASP A 109 20.85 -13.47 16.42
N LEU A 110 21.32 -14.46 15.66
CA LEU A 110 20.71 -14.82 14.38
C LEU A 110 19.70 -15.94 14.57
N ILE A 111 18.42 -15.61 14.46
CA ILE A 111 17.36 -16.60 14.65
C ILE A 111 16.68 -16.98 13.33
N SER A 112 16.69 -18.27 13.04
CA SER A 112 16.08 -18.78 11.81
C SER A 112 14.58 -19.01 11.97
N THR A 113 13.79 -18.55 10.99
CA THR A 113 12.34 -18.71 11.01
C THR A 113 11.83 -19.21 9.66
N PRO A 114 11.99 -20.52 9.40
CA PRO A 114 11.60 -21.27 8.19
C PRO A 114 10.16 -21.13 7.68
N ASP A 115 9.20 -21.15 8.60
CA ASP A 115 7.77 -21.06 8.26
C ASP A 115 7.46 -20.33 6.95
N GLN A 116 6.98 -21.08 5.96
CA GLN A 116 6.63 -20.49 4.67
C GLN A 116 5.17 -20.06 4.59
N ASP A 117 4.50 -20.02 5.74
CA ASP A 117 3.11 -19.61 5.80
C ASP A 117 3.02 -18.21 6.41
N HIS A 118 4.15 -17.71 6.86
CA HIS A 118 4.21 -16.39 7.47
C HIS A 118 5.45 -15.63 7.01
N THR A 119 5.30 -14.33 6.86
CA THR A 119 6.39 -13.47 6.43
C THR A 119 7.41 -13.31 7.55
N ASP A 120 8.62 -12.88 7.20
CA ASP A 120 9.65 -12.68 8.19
C ASP A 120 9.26 -11.57 9.15
N PHE A 121 8.48 -10.62 8.66
CA PHE A 121 8.01 -9.50 9.47
C PHE A 121 7.20 -10.04 10.64
N THR A 122 6.20 -10.86 10.33
CA THR A 122 5.35 -11.46 11.36
C THR A 122 6.18 -12.28 12.33
N LYS A 123 7.00 -13.18 11.78
CA LYS A 123 7.85 -14.05 12.60
C LYS A 123 8.81 -13.24 13.45
N CYS A 124 9.27 -12.11 12.92
CA CYS A 124 10.18 -11.24 13.65
C CYS A 124 9.48 -10.66 14.88
N LEU A 125 8.19 -10.34 14.73
CA LEU A 125 7.42 -9.79 15.84
C LEU A 125 7.25 -10.83 16.93
N GLN A 126 7.09 -12.08 16.52
CA GLN A 126 6.92 -13.19 17.44
C GLN A 126 8.18 -13.34 18.29
N VAL A 127 9.34 -13.20 17.63
CA VAL A 127 10.60 -13.29 18.34
C VAL A 127 10.77 -12.07 19.25
N LEU A 128 10.40 -10.89 18.74
CA LEU A 128 10.50 -9.67 19.52
C LEU A 128 9.63 -9.74 20.76
N GLN A 129 8.38 -10.15 20.58
CA GLN A 129 7.46 -10.25 21.70
C GLN A 129 8.03 -11.15 22.78
N ARG A 130 8.57 -12.29 22.36
CA ARG A 130 9.16 -13.24 23.29
C ARG A 130 10.35 -12.62 24.03
N LYS A 131 11.21 -11.91 23.32
CA LYS A 131 12.36 -11.28 23.96
C LYS A 131 11.91 -10.16 24.90
N ILE A 132 10.73 -9.60 24.62
CA ILE A 132 10.20 -8.54 25.47
C ILE A 132 9.78 -9.09 26.84
N GLU A 133 8.95 -10.13 26.87
CA GLU A 133 8.49 -10.71 28.14
C GLU A 133 9.68 -11.35 28.84
N GLU A 134 10.47 -12.07 28.06
CA GLU A 134 11.65 -12.77 28.54
C GLU A 134 12.71 -11.83 29.14
N LYS A 135 12.61 -10.54 28.85
CA LYS A 135 13.55 -9.55 29.40
C LYS A 135 12.83 -8.63 30.37
N GLU A 136 11.64 -9.05 30.79
CA GLU A 136 10.80 -8.30 31.71
C GLU A 136 10.87 -6.82 31.43
N LEU A 137 10.63 -6.43 30.19
CA LEU A 137 10.64 -5.01 29.86
C LEU A 137 9.38 -4.70 29.09
N GLN A 138 8.87 -3.49 29.20
CA GLN A 138 7.73 -3.23 28.37
C GLN A 138 7.87 -1.96 27.61
N VAL A 139 7.27 -2.02 26.44
CA VAL A 139 7.32 -0.97 25.48
C VAL A 139 5.97 -0.31 25.33
N ASP A 140 6.01 0.93 24.87
CA ASP A 140 4.78 1.65 24.65
C ASP A 140 4.41 1.48 23.19
N VAL A 141 5.40 1.20 22.35
CA VAL A 141 5.15 1.01 20.92
C VAL A 141 6.30 0.34 20.18
N ILE A 142 5.97 -0.37 19.11
CA ILE A 142 6.95 -1.04 18.27
C ILE A 142 6.98 -0.30 16.94
N VAL A 143 8.11 0.33 16.64
CA VAL A 143 8.28 1.11 15.41
C VAL A 143 8.93 0.27 14.31
N THR A 144 8.19 0.03 13.24
CA THR A 144 8.69 -0.75 12.13
C THR A 144 9.08 0.16 10.96
N LEU A 145 10.29 -0.02 10.45
CA LEU A 145 10.75 0.81 9.33
C LEU A 145 10.70 0.00 8.03
N GLY A 146 10.05 0.57 7.03
CA GLY A 146 9.93 -0.10 5.75
C GLY A 146 8.67 -0.94 5.67
N GLY A 147 8.44 -1.56 4.52
CA GLY A 147 7.26 -2.39 4.36
C GLY A 147 6.10 -1.76 3.63
N LEU A 148 6.22 -0.48 3.26
CA LEU A 148 5.14 0.20 2.57
C LEU A 148 5.47 0.55 1.13
N GLY A 149 6.65 0.17 0.68
CA GLY A 149 7.05 0.44 -0.69
C GLY A 149 7.44 -0.86 -1.35
N GLY A 150 7.88 -0.81 -2.60
CA GLY A 150 8.28 -2.03 -3.28
C GLY A 150 7.12 -2.92 -3.69
N ARG A 151 7.39 -4.23 -3.77
CA ARG A 151 6.40 -5.23 -4.15
C ARG A 151 5.02 -4.95 -3.55
N PHE A 152 4.00 -4.96 -4.39
CA PHE A 152 2.65 -4.70 -3.92
C PHE A 152 2.16 -5.76 -2.94
N ASP A 153 2.39 -7.04 -3.27
CA ASP A 153 1.93 -8.10 -2.41
C ASP A 153 2.57 -8.02 -1.02
N GLN A 154 3.79 -7.51 -0.95
CA GLN A 154 4.48 -7.37 0.32
C GLN A 154 3.91 -6.21 1.14
N ILE A 155 3.47 -5.16 0.44
CA ILE A 155 2.87 -4.01 1.11
C ILE A 155 1.62 -4.51 1.80
N MET A 156 0.85 -5.32 1.09
CA MET A 156 -0.39 -5.89 1.63
C MET A 156 -0.05 -6.83 2.78
N ALA A 157 1.02 -7.58 2.63
CA ALA A 157 1.43 -8.52 3.67
C ALA A 157 1.69 -7.73 4.95
N SER A 158 2.36 -6.59 4.84
CA SER A 158 2.65 -5.76 6.00
C SER A 158 1.36 -5.36 6.70
N VAL A 159 0.36 -4.97 5.91
CA VAL A 159 -0.93 -4.59 6.46
C VAL A 159 -1.52 -5.80 7.17
N ASN A 160 -1.42 -6.97 6.55
CA ASN A 160 -1.96 -8.18 7.16
C ASN A 160 -1.23 -8.60 8.43
N THR A 161 0.03 -8.19 8.55
CA THR A 161 0.79 -8.51 9.75
C THR A 161 0.19 -7.72 10.91
N LEU A 162 -0.21 -6.49 10.65
CA LEU A 162 -0.79 -5.65 11.68
C LEU A 162 -2.05 -6.29 12.26
N PHE A 163 -2.72 -7.11 11.46
CA PHE A 163 -3.92 -7.81 11.92
C PHE A 163 -3.55 -8.93 12.86
N GLN A 164 -2.57 -9.73 12.46
CA GLN A 164 -2.12 -10.85 13.25
C GLN A 164 -1.43 -10.37 14.51
N ALA A 165 -0.80 -9.21 14.43
CA ALA A 165 -0.09 -8.61 15.55
C ALA A 165 -0.94 -8.58 16.82
N THR A 166 -2.24 -8.39 16.67
CA THR A 166 -3.14 -8.34 17.82
C THR A 166 -3.08 -9.62 18.65
N HIS A 167 -2.65 -10.71 18.03
CA HIS A 167 -2.54 -11.99 18.72
C HIS A 167 -1.09 -12.33 19.05
N ILE A 168 -0.17 -11.45 18.65
CA ILE A 168 1.25 -11.68 18.89
C ILE A 168 1.77 -10.84 20.05
N THR A 169 1.28 -9.62 20.16
CA THR A 169 1.72 -8.72 21.22
C THR A 169 0.67 -7.67 21.56
N PRO A 170 0.65 -7.22 22.82
CA PRO A 170 -0.30 -6.19 23.27
C PRO A 170 0.22 -4.80 22.98
N VAL A 171 1.49 -4.72 22.57
CA VAL A 171 2.11 -3.43 22.28
C VAL A 171 1.74 -2.90 20.90
N PRO A 172 1.27 -1.64 20.84
CA PRO A 172 0.89 -1.03 19.55
C PRO A 172 2.05 -1.07 18.56
N ILE A 173 1.73 -1.30 17.29
CA ILE A 173 2.75 -1.37 16.25
C ILE A 173 2.45 -0.40 15.11
N ILE A 174 3.45 0.43 14.76
CA ILE A 174 3.30 1.38 13.66
C ILE A 174 4.32 1.05 12.58
N ILE A 175 3.98 1.32 11.33
CA ILE A 175 4.88 1.07 10.21
C ILE A 175 5.16 2.38 9.50
N ILE A 176 6.45 2.68 9.30
CA ILE A 176 6.86 3.92 8.65
C ILE A 176 7.83 3.68 7.50
N GLN A 177 7.64 4.43 6.42
CA GLN A 177 8.52 4.37 5.26
C GLN A 177 8.32 5.62 4.44
N LYS A 178 9.42 6.24 4.04
CA LYS A 178 9.40 7.48 3.26
C LYS A 178 8.55 8.53 3.97
N ASP A 179 7.39 8.86 3.40
CA ASP A 179 6.55 9.88 4.01
C ASP A 179 5.22 9.36 4.56
N SER A 180 5.12 8.05 4.73
CA SER A 180 3.88 7.45 5.21
C SER A 180 4.00 6.62 6.49
N LEU A 181 2.90 6.57 7.22
CA LEU A 181 2.80 5.79 8.45
C LEU A 181 1.42 5.16 8.49
N ILE A 182 1.36 3.90 8.91
CA ILE A 182 0.06 3.23 9.03
C ILE A 182 -0.04 2.64 10.43
N TYR A 183 -1.25 2.57 10.94
CA TYR A 183 -1.50 2.05 12.27
C TYR A 183 -2.92 1.51 12.27
N LEU A 184 -3.07 0.24 12.63
CA LEU A 184 -4.38 -0.39 12.65
C LEU A 184 -5.17 -0.09 13.92
N LEU A 185 -6.34 0.51 13.74
CA LEU A 185 -7.22 0.87 14.85
C LEU A 185 -8.21 -0.26 15.13
N GLN A 186 -8.09 -0.89 16.28
CA GLN A 186 -9.00 -1.98 16.62
C GLN A 186 -10.37 -1.42 16.97
N PRO A 187 -11.41 -2.27 16.97
CA PRO A 187 -12.76 -1.80 17.31
C PRO A 187 -12.79 -1.03 18.62
N GLY A 188 -13.55 0.06 18.65
CA GLY A 188 -13.63 0.87 19.84
C GLY A 188 -13.38 2.34 19.55
N LYS A 189 -13.02 3.09 20.59
CA LYS A 189 -12.76 4.52 20.47
C LYS A 189 -11.28 4.83 20.59
N HIS A 190 -10.81 5.76 19.76
CA HIS A 190 -9.40 6.14 19.75
C HIS A 190 -9.21 7.65 19.79
N ARG A 191 -8.14 8.08 20.45
CA ARG A 191 -7.80 9.49 20.56
C ARG A 191 -6.38 9.60 20.06
N LEU A 192 -6.21 10.10 18.84
CA LEU A 192 -4.89 10.24 18.26
C LEU A 192 -4.41 11.68 18.32
N HIS A 193 -3.25 11.89 18.94
CA HIS A 193 -2.69 13.23 19.03
C HIS A 193 -1.76 13.45 17.85
N VAL A 194 -2.15 14.38 17.00
CA VAL A 194 -1.39 14.71 15.81
C VAL A 194 -0.85 16.13 15.92
N ASP A 195 -0.26 16.43 17.07
CA ASP A 195 0.28 17.76 17.34
C ASP A 195 1.76 17.75 17.70
N THR A 196 2.50 16.77 17.20
CA THR A 196 3.92 16.68 17.50
C THR A 196 4.71 17.69 16.66
N GLY A 197 4.15 18.07 15.53
CA GLY A 197 4.82 19.01 14.65
C GLY A 197 5.51 18.25 13.52
N MET A 198 5.48 16.93 13.61
CA MET A 198 6.10 16.07 12.60
C MET A 198 5.07 15.63 11.56
N GLU A 199 3.81 15.96 11.80
CA GLU A 199 2.73 15.58 10.90
C GLU A 199 2.81 16.21 9.51
N GLY A 200 2.38 15.45 8.51
CA GLY A 200 2.36 15.93 7.14
C GLY A 200 0.99 16.55 6.87
N SER A 201 0.67 16.83 5.61
CA SER A 201 -0.61 17.44 5.30
C SER A 201 -1.78 16.47 5.11
N TRP A 202 -1.50 15.23 4.73
CA TRP A 202 -2.58 14.27 4.51
C TRP A 202 -2.71 13.15 5.56
N CYS A 203 -3.86 12.49 5.54
CA CYS A 203 -4.15 11.40 6.45
C CYS A 203 -5.32 10.64 5.84
N GLY A 204 -5.65 9.48 6.41
CA GLY A 204 -6.76 8.73 5.87
C GLY A 204 -7.21 7.56 6.71
N LEU A 205 -8.38 7.02 6.38
CA LEU A 205 -8.93 5.87 7.08
C LEU A 205 -9.29 4.81 5.98
N ILE A 206 -8.57 3.67 5.95
CA ILE A 206 -8.69 2.54 4.91
C ILE A 206 -9.36 1.28 5.52
N PRO A 207 -10.53 0.86 4.98
CA PRO A 207 -11.23 -0.32 5.49
C PRO A 207 -10.64 -1.48 5.07
N VAL A 208 -9.47 -1.78 5.52
CA VAL A 208 -8.95 -2.86 4.75
C VAL A 208 -9.58 -4.25 4.65
N GLY A 209 -9.71 -4.89 5.80
CA GLY A 209 -10.20 -6.24 5.84
C GLY A 209 -11.65 -6.35 5.47
N GLN A 210 -12.47 -5.54 6.12
CA GLN A 210 -13.91 -5.55 5.90
C GLN A 210 -14.51 -4.16 6.04
N PRO A 211 -15.75 -3.97 5.57
CA PRO A 211 -16.42 -2.67 5.67
C PRO A 211 -16.66 -2.27 7.12
N CYS A 212 -16.37 -1.02 7.45
CA CYS A 212 -16.61 -0.52 8.81
C CYS A 212 -17.95 0.21 8.70
N ASN A 213 -19.00 -0.43 9.18
CA ASN A 213 -20.35 0.11 9.10
C ASN A 213 -20.71 1.28 10.00
N GLN A 214 -19.90 1.56 11.01
CA GLN A 214 -20.21 2.67 11.89
C GLN A 214 -18.96 3.41 12.34
N VAL A 215 -18.55 4.39 11.55
CA VAL A 215 -17.37 5.18 11.88
C VAL A 215 -17.73 6.63 12.19
N THR A 216 -17.17 7.13 13.28
CA THR A 216 -17.42 8.50 13.69
C THR A 216 -16.07 9.13 14.04
N THR A 217 -15.80 10.33 13.53
CA THR A 217 -14.53 10.99 13.80
C THR A 217 -14.65 12.47 14.13
N THR A 218 -13.54 13.03 14.61
CA THR A 218 -13.44 14.45 14.92
C THR A 218 -12.01 14.83 14.56
N GLY A 219 -11.82 16.12 14.26
CA GLY A 219 -10.50 16.61 13.93
C GLY A 219 -10.08 16.49 12.47
N LEU A 220 -10.96 15.98 11.62
CA LEU A 220 -10.63 15.85 10.21
C LEU A 220 -11.39 16.88 9.39
N LYS A 221 -10.94 17.15 8.17
CA LYS A 221 -11.63 18.11 7.31
C LYS A 221 -12.93 17.48 6.83
N TRP A 222 -12.87 16.19 6.57
CA TRP A 222 -14.01 15.42 6.13
C TRP A 222 -14.28 14.37 7.20
N ASN A 223 -15.07 14.73 8.20
CA ASN A 223 -15.40 13.82 9.29
C ASN A 223 -16.49 12.82 8.95
N LEU A 224 -16.53 11.72 9.69
CA LEU A 224 -17.55 10.70 9.49
C LEU A 224 -18.47 10.74 10.70
N THR A 225 -19.76 10.53 10.46
CA THR A 225 -20.75 10.54 11.53
C THR A 225 -21.59 9.27 11.39
N ASN A 226 -21.21 8.22 12.10
CA ASN A 226 -21.91 6.94 12.02
C ASN A 226 -22.03 6.53 10.56
N ASP A 227 -20.97 6.77 9.80
CA ASP A 227 -20.95 6.44 8.38
C ASP A 227 -20.32 5.10 8.09
N VAL A 228 -20.47 4.66 6.85
CA VAL A 228 -19.92 3.40 6.38
C VAL A 228 -18.66 3.63 5.54
N LEU A 229 -17.56 2.97 5.91
CA LEU A 229 -16.32 3.08 5.16
C LEU A 229 -16.05 1.71 4.57
N GLY A 230 -15.97 1.63 3.25
CA GLY A 230 -15.71 0.35 2.61
C GLY A 230 -15.31 0.52 1.16
N PHE A 231 -14.37 -0.29 0.68
CA PHE A 231 -13.94 -0.19 -0.70
C PHE A 231 -15.12 -0.31 -1.65
N GLY A 232 -15.20 0.64 -2.59
CA GLY A 232 -16.29 0.64 -3.54
C GLY A 232 -17.45 1.48 -3.03
N THR A 233 -17.44 1.75 -1.73
CA THR A 233 -18.48 2.55 -1.09
C THR A 233 -17.93 3.92 -0.70
N LEU A 234 -16.94 3.91 0.19
CA LEU A 234 -16.32 5.14 0.65
C LEU A 234 -15.03 4.87 1.40
N VAL A 235 -13.92 5.39 0.88
CA VAL A 235 -12.63 5.23 1.51
C VAL A 235 -12.06 6.62 1.70
N SER A 236 -11.61 6.93 2.90
CA SER A 236 -11.06 8.25 3.18
C SER A 236 -9.57 8.37 2.89
N THR A 237 -9.24 9.02 1.77
CA THR A 237 -7.85 9.24 1.38
C THR A 237 -7.74 10.72 1.03
N SER A 238 -6.56 11.30 1.22
CA SER A 238 -6.34 12.72 0.94
C SER A 238 -7.17 13.57 1.87
N ASN A 239 -7.39 13.08 3.09
CA ASN A 239 -8.14 13.83 4.08
C ASN A 239 -7.09 14.69 4.76
N THR A 240 -7.52 15.63 5.59
CA THR A 240 -6.56 16.48 6.28
C THR A 240 -7.09 16.86 7.64
N TYR A 241 -6.32 17.61 8.42
CA TYR A 241 -6.72 17.98 9.77
C TYR A 241 -7.47 19.31 9.88
N ASP A 242 -8.29 19.45 10.92
CA ASP A 242 -9.05 20.67 11.14
C ASP A 242 -8.24 21.68 11.93
N GLY A 243 -7.04 21.28 12.36
CA GLY A 243 -6.16 22.15 13.10
C GLY A 243 -6.24 22.07 14.61
N SER A 244 -7.16 21.25 15.13
CA SER A 244 -7.33 21.10 16.57
C SER A 244 -6.15 20.39 17.21
N GLY A 245 -5.43 19.62 16.41
CA GLY A 245 -4.29 18.89 16.93
C GLY A 245 -4.72 17.55 17.51
N LEU A 246 -5.99 17.21 17.32
CA LEU A 246 -6.51 15.95 17.85
C LEU A 246 -7.48 15.27 16.88
N VAL A 247 -7.37 13.96 16.77
CA VAL A 247 -8.25 13.19 15.90
C VAL A 247 -8.80 12.04 16.73
N THR A 248 -10.12 11.91 16.76
CA THR A 248 -10.72 10.82 17.50
C THR A 248 -11.41 9.95 16.49
N VAL A 249 -11.35 8.64 16.70
CA VAL A 249 -11.99 7.72 15.78
C VAL A 249 -12.68 6.62 16.55
N GLU A 250 -13.89 6.31 16.11
CA GLU A 250 -14.69 5.28 16.71
C GLU A 250 -15.08 4.36 15.57
N THR A 251 -14.71 3.09 15.65
CA THR A 251 -15.02 2.14 14.58
C THR A 251 -15.51 0.79 15.11
N ASP A 252 -16.38 0.14 14.35
CA ASP A 252 -16.94 -1.16 14.72
C ASP A 252 -16.04 -2.34 14.31
N HIS A 253 -15.15 -2.09 13.34
CA HIS A 253 -14.24 -3.13 12.88
C HIS A 253 -12.83 -2.55 12.71
N PRO A 254 -11.80 -3.40 12.56
CA PRO A 254 -10.44 -2.89 12.39
C PRO A 254 -10.38 -1.88 11.25
N LEU A 255 -9.87 -0.69 11.55
CA LEU A 255 -9.77 0.37 10.54
C LEU A 255 -8.34 0.89 10.49
N LEU A 256 -7.76 0.87 9.29
CA LEU A 256 -6.38 1.30 9.13
C LEU A 256 -6.20 2.81 9.05
N TRP A 257 -5.41 3.35 9.97
CA TRP A 257 -5.14 4.78 9.99
C TRP A 257 -3.81 5.02 9.29
N THR A 258 -3.81 5.96 8.34
CA THR A 258 -2.59 6.30 7.61
C THR A 258 -2.43 7.80 7.67
N MET A 259 -1.18 8.27 7.79
CA MET A 259 -0.93 9.70 7.88
C MET A 259 0.42 10.09 7.28
N ALA A 260 0.54 11.34 6.86
CA ALA A 260 1.76 11.85 6.27
C ALA A 260 2.77 12.29 7.32
N ILE A 261 4.05 12.12 6.99
CA ILE A 261 5.14 12.54 7.87
C ILE A 261 5.80 13.74 7.21
N LYS A 262 5.98 14.80 7.98
CA LYS A 262 6.53 16.03 7.46
C LYS A 262 7.82 15.88 6.68
N SER A 263 7.99 16.67 5.62
CA SER A 263 9.23 16.69 4.80
C SER A 263 9.29 15.47 3.95
N MET B 21 -19.74 -17.29 -19.34
CA MET B 21 -19.67 -17.97 -18.01
C MET B 21 -18.35 -17.62 -17.32
N GLU B 22 -17.33 -17.29 -18.10
CA GLU B 22 -16.02 -16.95 -17.56
C GLU B 22 -15.34 -15.92 -18.43
N HIS B 23 -14.32 -15.26 -17.87
CA HIS B 23 -13.57 -14.26 -18.62
C HIS B 23 -12.11 -14.71 -18.77
N ALA B 24 -11.70 -15.02 -20.00
CA ALA B 24 -10.31 -15.44 -20.28
C ALA B 24 -9.48 -14.18 -20.46
N PHE B 25 -8.54 -13.96 -19.54
CA PHE B 25 -7.75 -12.74 -19.58
C PHE B 25 -6.24 -12.97 -19.50
N THR B 26 -5.45 -12.09 -20.13
CA THR B 26 -4.00 -12.19 -20.10
C THR B 26 -3.38 -10.86 -19.65
N PRO B 27 -3.22 -10.68 -18.34
CA PRO B 27 -2.66 -9.48 -17.71
C PRO B 27 -1.48 -8.73 -18.36
N LEU B 28 -0.28 -9.33 -18.31
CA LEU B 28 0.92 -8.69 -18.84
C LEU B 28 1.07 -8.68 -20.35
N GLU B 29 -0.03 -8.81 -21.08
CA GLU B 29 0.05 -8.80 -22.53
C GLU B 29 0.53 -7.47 -23.13
N PRO B 30 -0.04 -6.35 -22.68
CA PRO B 30 0.38 -5.05 -23.23
C PRO B 30 1.90 -4.84 -23.17
N LEU B 31 2.57 -5.57 -22.28
CA LEU B 31 4.01 -5.46 -22.12
C LEU B 31 4.79 -6.23 -23.19
N LEU B 32 4.08 -7.03 -23.98
CA LEU B 32 4.71 -7.80 -25.04
C LEU B 32 5.00 -6.93 -26.26
N PRO B 33 6.22 -7.02 -26.79
CA PRO B 33 6.59 -6.23 -27.95
C PRO B 33 5.75 -6.57 -29.19
N THR B 34 5.17 -7.77 -29.19
CA THR B 34 4.34 -8.23 -30.30
C THR B 34 2.87 -8.19 -29.90
N GLY B 35 1.97 -8.14 -30.88
CA GLY B 35 0.55 -8.12 -30.58
C GLY B 35 -0.28 -7.02 -31.22
N ASN B 36 -1.58 -7.28 -31.32
CA ASN B 36 -2.54 -6.33 -31.89
C ASN B 36 -3.44 -5.74 -30.82
N LEU B 37 -3.17 -6.08 -29.57
CA LEU B 37 -3.97 -5.62 -28.44
C LEU B 37 -4.31 -4.13 -28.50
N LYS B 38 -5.61 -3.83 -28.49
CA LYS B 38 -6.11 -2.47 -28.52
C LYS B 38 -6.34 -2.04 -27.08
N TYR B 39 -5.56 -1.07 -26.62
CA TYR B 39 -5.67 -0.59 -25.25
C TYR B 39 -5.42 0.90 -25.14
N CYS B 40 -5.91 1.48 -24.04
CA CYS B 40 -5.73 2.90 -23.75
C CYS B 40 -4.69 2.98 -22.63
N LEU B 41 -3.98 4.10 -22.55
CA LEU B 41 -2.95 4.27 -21.53
C LEU B 41 -3.24 5.49 -20.64
N VAL B 42 -3.15 5.29 -19.33
CA VAL B 42 -3.38 6.37 -18.37
C VAL B 42 -2.15 6.56 -17.51
N VAL B 43 -1.61 7.77 -17.51
CA VAL B 43 -0.42 8.08 -16.72
C VAL B 43 -0.78 8.81 -15.43
N LEU B 44 -0.45 8.19 -14.29
CA LEU B 44 -0.75 8.79 -13.00
C LEU B 44 0.45 9.60 -12.51
N ASN B 45 0.27 10.28 -11.39
CA ASN B 45 1.35 11.11 -10.84
C ASN B 45 2.42 10.31 -10.08
N GLN B 46 3.25 9.61 -10.83
CA GLN B 46 4.34 8.81 -10.29
C GLN B 46 5.44 8.72 -11.34
N PRO B 47 6.69 8.49 -10.91
CA PRO B 47 7.77 8.39 -11.89
C PRO B 47 7.48 7.28 -12.90
N LEU B 48 7.69 7.58 -14.18
CA LEU B 48 7.43 6.62 -15.25
C LEU B 48 8.50 5.53 -15.36
N ASP B 49 8.05 4.29 -15.46
CA ASP B 49 8.98 3.17 -15.60
C ASP B 49 9.37 3.12 -17.08
N ALA B 50 10.55 2.58 -17.36
CA ALA B 50 11.06 2.48 -18.72
C ALA B 50 10.08 1.91 -19.75
N ARG B 51 9.27 0.94 -19.34
CA ARG B 51 8.27 0.31 -20.22
C ARG B 51 7.34 1.32 -20.87
N PHE B 52 7.28 2.50 -20.28
CA PHE B 52 6.44 3.60 -20.73
C PHE B 52 6.42 3.86 -22.23
N ARG B 53 7.60 4.07 -22.80
CA ARG B 53 7.74 4.36 -24.24
C ARG B 53 7.01 3.38 -25.14
N HIS B 54 7.31 2.10 -25.00
CA HIS B 54 6.69 1.07 -25.81
C HIS B 54 5.18 1.04 -25.64
N LEU B 55 4.71 1.17 -24.40
CA LEU B 55 3.29 1.16 -24.11
C LEU B 55 2.58 2.34 -24.77
N TRP B 56 3.23 3.49 -24.76
CA TRP B 56 2.68 4.71 -25.35
C TRP B 56 2.52 4.56 -26.86
N LYS B 57 3.58 4.06 -27.49
CA LYS B 57 3.62 3.88 -28.94
C LYS B 57 2.42 3.12 -29.52
N LYS B 58 2.03 2.03 -28.86
CA LYS B 58 0.93 1.22 -29.37
C LYS B 58 -0.43 1.48 -28.75
N ALA B 59 -0.50 2.44 -27.84
CA ALA B 59 -1.78 2.77 -27.19
C ALA B 59 -2.72 3.41 -28.19
N LEU B 60 -4.01 3.08 -28.09
CA LEU B 60 -5.02 3.63 -28.98
C LEU B 60 -5.33 5.06 -28.53
N LEU B 61 -5.15 5.33 -27.25
CA LEU B 61 -5.42 6.64 -26.69
C LEU B 61 -4.62 6.81 -25.38
N ARG B 62 -4.02 7.98 -25.21
CA ARG B 62 -3.24 8.26 -24.02
C ARG B 62 -3.81 9.45 -23.25
N ALA B 63 -3.69 9.42 -21.93
CA ALA B 63 -4.19 10.50 -21.10
C ALA B 63 -3.35 10.61 -19.84
N CYS B 64 -3.49 11.72 -19.13
CA CYS B 64 -2.74 11.94 -17.90
C CYS B 64 -3.63 12.50 -16.81
N ALA B 65 -3.40 12.04 -15.59
CA ALA B 65 -4.18 12.52 -14.45
C ALA B 65 -3.34 13.54 -13.69
N ASP B 66 -3.75 14.79 -13.75
CA ASP B 66 -3.07 15.89 -13.08
C ASP B 66 -1.55 15.78 -13.17
N GLY B 67 -0.92 15.50 -12.02
CA GLY B 67 0.53 15.39 -11.95
C GLY B 67 1.16 14.49 -12.99
N GLY B 68 0.41 13.49 -13.45
CA GLY B 68 0.92 12.57 -14.46
C GLY B 68 1.56 13.31 -15.61
N ALA B 69 0.99 14.46 -15.94
CA ALA B 69 1.49 15.29 -17.03
C ALA B 69 2.89 15.82 -16.72
N ASN B 70 3.15 16.15 -15.45
CA ASN B 70 4.47 16.65 -15.08
C ASN B 70 5.54 15.60 -15.36
N HIS B 71 5.28 14.36 -14.93
CA HIS B 71 6.25 13.28 -15.14
C HIS B 71 6.44 12.96 -16.60
N LEU B 72 5.37 13.08 -17.39
CA LEU B 72 5.44 12.82 -18.81
C LEU B 72 6.30 13.89 -19.46
N TYR B 73 5.96 15.14 -19.13
CA TYR B 73 6.65 16.33 -19.64
C TYR B 73 8.15 16.30 -19.35
N ASP B 74 8.52 16.10 -18.08
CA ASP B 74 9.92 16.08 -17.67
C ASP B 74 10.70 14.88 -18.21
N LEU B 75 9.97 13.86 -18.61
CA LEU B 75 10.59 12.65 -19.14
C LEU B 75 10.85 12.79 -20.64
N THR B 76 9.89 13.39 -21.33
CA THR B 76 9.97 13.56 -22.78
C THR B 76 10.57 14.87 -23.27
N GLU B 77 11.29 15.58 -22.42
CA GLU B 77 11.88 16.85 -22.84
C GLU B 77 12.76 16.62 -24.06
N GLY B 78 12.65 17.50 -25.05
CA GLY B 78 13.45 17.36 -26.25
C GLY B 78 12.73 16.60 -27.36
N GLU B 79 11.63 15.94 -27.01
CA GLU B 79 10.84 15.20 -27.99
C GLU B 79 9.38 15.12 -27.56
N ARG B 80 8.93 16.14 -26.81
CA ARG B 80 7.56 16.18 -26.32
C ARG B 80 6.48 16.10 -27.39
N GLU B 81 6.80 16.45 -28.63
CA GLU B 81 5.80 16.41 -29.69
C GLU B 81 5.49 14.99 -30.13
N SER B 82 6.33 14.06 -29.73
CA SER B 82 6.14 12.65 -30.06
C SER B 82 5.33 12.01 -28.93
N PHE B 83 5.18 12.74 -27.84
CA PHE B 83 4.44 12.26 -26.69
C PHE B 83 3.39 13.27 -26.22
N LEU B 84 2.42 13.54 -27.08
CA LEU B 84 1.36 14.48 -26.74
C LEU B 84 0.09 13.74 -26.35
N PRO B 85 -0.35 13.90 -25.09
CA PRO B 85 -1.56 13.24 -24.60
C PRO B 85 -2.73 13.64 -25.47
N GLU B 86 -3.76 12.82 -25.46
CA GLU B 86 -4.94 13.08 -26.25
C GLU B 86 -5.86 13.93 -25.36
N PHE B 87 -5.53 13.94 -24.06
CA PHE B 87 -6.25 14.74 -23.08
C PHE B 87 -5.62 14.59 -21.69
N VAL B 88 -5.61 15.68 -20.94
CA VAL B 88 -5.06 15.71 -19.59
C VAL B 88 -6.18 16.19 -18.68
N SER B 89 -6.64 15.32 -17.80
CA SER B 89 -7.70 15.64 -16.88
C SER B 89 -7.15 15.71 -15.49
N GLY B 90 -7.85 16.45 -14.68
CA GLY B 90 -7.40 16.64 -13.34
C GLY B 90 -7.98 17.86 -12.73
N ASP B 91 -7.14 18.48 -11.93
CA ASP B 91 -7.57 19.58 -11.11
C ASP B 91 -6.47 20.49 -10.86
N PHE B 92 -5.58 20.29 -11.80
CA PHE B 92 -4.54 21.20 -12.02
C PHE B 92 -3.82 21.75 -10.80
N ASP B 93 -3.88 21.05 -9.67
CA ASP B 93 -3.18 21.54 -8.49
C ASP B 93 -1.87 20.79 -8.32
N SER B 94 -1.50 20.09 -9.39
CA SER B 94 -0.24 19.34 -9.45
C SER B 94 0.50 19.67 -10.75
N ILE B 95 -0.26 19.87 -11.83
CA ILE B 95 0.30 20.22 -13.12
C ILE B 95 0.97 21.59 -13.04
N ARG B 96 2.28 21.65 -13.26
CA ARG B 96 2.96 22.94 -13.21
C ARG B 96 2.48 23.80 -14.37
N PRO B 97 2.27 25.10 -14.12
CA PRO B 97 1.81 26.04 -15.15
C PRO B 97 2.47 25.92 -16.52
N GLU B 98 3.79 25.81 -16.55
CA GLU B 98 4.54 25.68 -17.79
C GLU B 98 4.10 24.42 -18.53
N VAL B 99 3.89 23.35 -17.76
CA VAL B 99 3.45 22.06 -18.30
C VAL B 99 2.02 22.17 -18.82
N LYS B 100 1.16 22.83 -18.03
CA LYS B 100 -0.23 23.02 -18.41
C LYS B 100 -0.28 23.81 -19.71
N GLU B 101 0.59 24.81 -19.82
CA GLU B 101 0.67 25.64 -21.03
C GLU B 101 1.07 24.79 -22.23
N TYR B 102 2.28 24.25 -22.17
CA TYR B 102 2.82 23.43 -23.24
C TYR B 102 1.75 22.56 -23.92
N TYR B 103 1.12 21.70 -23.14
CA TYR B 103 0.09 20.80 -23.65
C TYR B 103 -1.14 21.48 -24.23
N THR B 104 -1.48 22.65 -23.72
CA THR B 104 -2.64 23.37 -24.23
C THR B 104 -2.29 23.96 -25.58
N LYS B 105 -1.03 24.36 -25.71
CA LYS B 105 -0.51 24.97 -26.93
C LYS B 105 -0.40 23.97 -28.08
N LYS B 106 -0.05 22.73 -27.74
CA LYS B 106 0.11 21.68 -28.74
C LYS B 106 -1.20 21.02 -29.17
N GLY B 107 -2.30 21.45 -28.57
CA GLY B 107 -3.59 20.89 -28.92
C GLY B 107 -4.19 19.92 -27.93
N CYS B 108 -3.46 19.58 -26.87
CA CYS B 108 -3.97 18.63 -25.88
C CYS B 108 -5.20 19.20 -25.18
N ASP B 109 -6.19 18.34 -25.00
CA ASP B 109 -7.43 18.72 -24.36
C ASP B 109 -7.29 18.69 -22.83
N LEU B 110 -7.33 19.86 -22.21
CA LEU B 110 -7.22 19.97 -20.76
C LEU B 110 -8.60 20.02 -20.13
N ILE B 111 -8.97 18.96 -19.42
CA ILE B 111 -10.28 18.88 -18.79
C ILE B 111 -10.19 19.01 -17.27
N SER B 112 -10.89 20.00 -16.72
CA SER B 112 -10.90 20.25 -15.29
C SER B 112 -11.89 19.35 -14.55
N THR B 113 -11.45 18.76 -13.44
CA THR B 113 -12.30 17.88 -12.64
C THR B 113 -12.16 18.20 -11.15
N PRO B 114 -12.76 19.31 -10.70
CA PRO B 114 -12.74 19.82 -9.32
C PRO B 114 -13.24 18.90 -8.20
N ASP B 115 -14.18 18.00 -8.53
CA ASP B 115 -14.74 17.07 -7.56
C ASP B 115 -13.74 16.64 -6.47
N GLN B 116 -13.93 17.10 -5.25
CA GLN B 116 -13.03 16.74 -4.16
C GLN B 116 -13.47 15.51 -3.37
N ASP B 117 -14.39 14.75 -3.94
CA ASP B 117 -14.87 13.52 -3.32
C ASP B 117 -14.33 12.33 -4.09
N HIS B 118 -13.66 12.62 -5.22
CA HIS B 118 -13.07 11.60 -6.08
C HIS B 118 -11.69 11.98 -6.54
N THR B 119 -10.80 11.00 -6.60
CA THR B 119 -9.44 11.28 -7.01
C THR B 119 -9.41 11.67 -8.48
N ASP B 120 -8.31 12.27 -8.91
CA ASP B 120 -8.15 12.66 -10.30
C ASP B 120 -8.03 11.39 -11.21
N PHE B 121 -7.68 10.23 -10.62
CA PHE B 121 -7.56 8.93 -11.36
C PHE B 121 -8.96 8.42 -11.73
N THR B 122 -9.86 8.37 -10.75
CA THR B 122 -11.22 7.93 -11.00
C THR B 122 -11.88 8.87 -12.01
N LYS B 123 -11.77 10.18 -11.78
CA LYS B 123 -12.37 11.17 -12.67
C LYS B 123 -11.79 11.05 -14.08
N CYS B 124 -10.51 10.71 -14.16
CA CYS B 124 -9.85 10.55 -15.45
C CYS B 124 -10.46 9.38 -16.22
N LEU B 125 -10.82 8.32 -15.50
CA LEU B 125 -11.42 7.15 -16.13
C LEU B 125 -12.78 7.53 -16.68
N GLN B 126 -13.44 8.44 -15.98
CA GLN B 126 -14.77 8.90 -16.40
C GLN B 126 -14.64 9.62 -17.72
N VAL B 127 -13.63 10.47 -17.80
CA VAL B 127 -13.40 11.23 -19.02
C VAL B 127 -13.06 10.22 -20.11
N LEU B 128 -12.18 9.27 -19.79
CA LEU B 128 -11.76 8.26 -20.75
C LEU B 128 -12.91 7.46 -21.31
N GLN B 129 -13.76 6.93 -20.43
CA GLN B 129 -14.91 6.15 -20.87
C GLN B 129 -15.74 6.97 -21.84
N ARG B 130 -15.98 8.22 -21.48
CA ARG B 130 -16.77 9.13 -22.31
C ARG B 130 -16.14 9.21 -23.70
N LYS B 131 -14.85 9.50 -23.74
CA LYS B 131 -14.10 9.61 -24.99
C LYS B 131 -14.17 8.32 -25.80
N ILE B 132 -14.21 7.19 -25.11
CA ILE B 132 -14.27 5.91 -25.80
C ILE B 132 -15.61 5.71 -26.52
N GLU B 133 -16.71 5.90 -25.80
CA GLU B 133 -18.03 5.76 -26.40
C GLU B 133 -18.16 6.82 -27.49
N GLU B 134 -17.77 8.03 -27.12
CA GLU B 134 -17.78 9.22 -27.97
C GLU B 134 -17.09 9.01 -29.31
N LYS B 135 -16.01 8.23 -29.32
CA LYS B 135 -15.26 7.99 -30.54
C LYS B 135 -15.55 6.61 -31.10
N GLU B 136 -16.66 6.02 -30.65
CA GLU B 136 -17.04 4.68 -31.10
C GLU B 136 -15.80 3.79 -31.17
N LEU B 137 -15.04 3.80 -30.09
CA LEU B 137 -13.82 3.02 -29.95
C LEU B 137 -14.11 1.75 -29.18
N GLN B 138 -13.35 0.71 -29.50
CA GLN B 138 -13.50 -0.60 -28.89
C GLN B 138 -12.16 -0.92 -28.24
N VAL B 139 -12.15 -1.03 -26.90
CA VAL B 139 -10.90 -1.30 -26.19
C VAL B 139 -10.95 -2.63 -25.44
N ASP B 140 -9.81 -3.32 -25.42
CA ASP B 140 -9.69 -4.61 -24.74
C ASP B 140 -9.36 -4.40 -23.27
N VAL B 141 -8.53 -3.39 -23.00
CA VAL B 141 -8.13 -3.11 -21.63
C VAL B 141 -7.54 -1.70 -21.48
N ILE B 142 -7.63 -1.17 -20.26
CA ILE B 142 -7.10 0.15 -19.93
C ILE B 142 -5.88 -0.05 -19.05
N VAL B 143 -4.71 0.32 -19.56
CA VAL B 143 -3.47 0.17 -18.80
C VAL B 143 -3.15 1.46 -18.04
N THR B 144 -3.07 1.36 -16.71
CA THR B 144 -2.75 2.51 -15.88
C THR B 144 -1.32 2.40 -15.36
N LEU B 145 -0.53 3.45 -15.54
CA LEU B 145 0.85 3.45 -15.06
C LEU B 145 0.98 4.28 -13.79
N GLY B 146 1.55 3.67 -12.76
CA GLY B 146 1.73 4.35 -11.50
C GLY B 146 0.58 4.09 -10.56
N GLY B 147 0.62 4.70 -9.39
CA GLY B 147 -0.47 4.51 -8.43
C GLY B 147 -0.24 3.45 -7.37
N LEU B 148 0.88 2.72 -7.47
CA LEU B 148 1.17 1.66 -6.51
C LEU B 148 2.34 1.98 -5.59
N GLY B 149 2.91 3.18 -5.73
CA GLY B 149 4.02 3.60 -4.89
C GLY B 149 3.73 4.96 -4.30
N GLY B 150 4.62 5.45 -3.45
CA GLY B 150 4.41 6.75 -2.84
C GLY B 150 3.46 6.70 -1.66
N ARG B 151 2.77 7.81 -1.43
CA ARG B 151 1.81 7.94 -0.34
C ARG B 151 0.95 6.69 -0.20
N PHE B 152 0.87 6.18 1.03
CA PHE B 152 0.09 4.97 1.29
C PHE B 152 -1.39 5.17 1.02
N ASP B 153 -1.92 6.28 1.52
CA ASP B 153 -3.31 6.57 1.27
C ASP B 153 -3.50 6.63 -0.23
N GLN B 154 -2.41 6.58 -1.00
CA GLN B 154 -2.57 6.72 -2.44
C GLN B 154 -2.69 5.42 -3.11
N ILE B 155 -1.94 4.52 -2.54
CA ILE B 155 -2.01 3.26 -3.10
C ILE B 155 -3.42 2.74 -2.89
N MET B 156 -3.94 2.91 -1.69
CA MET B 156 -5.29 2.43 -1.37
C MET B 156 -6.34 3.07 -2.26
N ALA B 157 -6.19 4.36 -2.54
CA ALA B 157 -7.14 5.07 -3.40
C ALA B 157 -7.17 4.39 -4.76
N SER B 158 -5.99 4.02 -5.25
CA SER B 158 -5.88 3.34 -6.55
C SER B 158 -6.71 2.07 -6.52
N VAL B 159 -6.56 1.30 -5.45
CA VAL B 159 -7.31 0.06 -5.32
C VAL B 159 -8.80 0.39 -5.31
N ASN B 160 -9.17 1.43 -4.57
CA ASN B 160 -10.57 1.83 -4.47
C ASN B 160 -11.11 2.26 -5.83
N THR B 161 -10.26 2.84 -6.66
CA THR B 161 -10.70 3.26 -7.98
C THR B 161 -11.14 2.04 -8.79
N LEU B 162 -10.40 0.94 -8.63
CA LEU B 162 -10.73 -0.29 -9.35
C LEU B 162 -12.11 -0.84 -8.97
N PHE B 163 -12.55 -0.53 -7.76
CA PHE B 163 -13.87 -0.99 -7.32
C PHE B 163 -14.94 -0.13 -7.99
N GLN B 164 -14.70 1.18 -8.03
CA GLN B 164 -15.63 2.12 -8.64
C GLN B 164 -15.66 1.94 -10.16
N ALA B 165 -14.51 1.59 -10.72
CA ALA B 165 -14.37 1.41 -12.17
C ALA B 165 -15.43 0.50 -12.77
N THR B 166 -15.91 -0.46 -11.98
CA THR B 166 -16.92 -1.39 -12.44
C THR B 166 -18.21 -0.68 -12.86
N HIS B 167 -18.40 0.54 -12.38
CA HIS B 167 -19.59 1.31 -12.73
C HIS B 167 -19.24 2.49 -13.63
N ILE B 168 -17.97 2.57 -14.02
CA ILE B 168 -17.51 3.65 -14.90
C ILE B 168 -17.32 3.15 -16.33
N THR B 169 -16.84 1.93 -16.46
CA THR B 169 -16.61 1.33 -17.78
C THR B 169 -16.56 -0.19 -17.73
N PRO B 170 -16.95 -0.84 -18.82
CA PRO B 170 -16.94 -2.31 -18.90
C PRO B 170 -15.58 -2.85 -19.32
N VAL B 171 -14.67 -1.95 -19.69
CA VAL B 171 -13.33 -2.32 -20.10
C VAL B 171 -12.43 -2.63 -18.90
N PRO B 172 -11.81 -3.82 -18.88
CA PRO B 172 -10.92 -4.23 -17.80
C PRO B 172 -9.81 -3.22 -17.58
N ILE B 173 -9.46 -2.98 -16.31
CA ILE B 173 -8.42 -2.03 -15.98
C ILE B 173 -7.32 -2.65 -15.14
N ILE B 174 -6.07 -2.43 -15.54
CA ILE B 174 -4.94 -2.94 -14.80
C ILE B 174 -4.06 -1.76 -14.40
N ILE B 175 -3.36 -1.90 -13.29
CA ILE B 175 -2.48 -0.85 -12.82
C ILE B 175 -1.09 -1.43 -12.68
N ILE B 176 -0.09 -0.73 -13.19
CA ILE B 176 1.27 -1.24 -13.08
C ILE B 176 2.26 -0.14 -12.73
N GLN B 177 3.23 -0.51 -11.90
CA GLN B 177 4.30 0.39 -11.50
C GLN B 177 5.45 -0.46 -11.00
N LYS B 178 6.66 -0.08 -11.41
CA LYS B 178 7.87 -0.81 -11.02
C LYS B 178 7.74 -2.29 -11.37
N ASP B 179 7.67 -3.16 -10.37
CA ASP B 179 7.56 -4.60 -10.64
C ASP B 179 6.21 -5.19 -10.30
N SER B 180 5.21 -4.36 -10.03
CA SER B 180 3.90 -4.86 -9.66
C SER B 180 2.73 -4.51 -10.57
N LEU B 181 1.75 -5.41 -10.58
CA LEU B 181 0.54 -5.22 -11.35
C LEU B 181 -0.61 -5.66 -10.45
N ILE B 182 -1.73 -4.95 -10.52
CA ILE B 182 -2.90 -5.33 -9.76
C ILE B 182 -4.08 -5.33 -10.71
N TYR B 183 -5.04 -6.20 -10.43
CA TYR B 183 -6.23 -6.33 -11.26
C TYR B 183 -7.34 -6.87 -10.38
N LEU B 184 -8.46 -6.18 -10.35
CA LEU B 184 -9.59 -6.60 -9.52
C LEU B 184 -10.47 -7.65 -10.18
N LEU B 185 -10.57 -8.82 -9.53
CA LEU B 185 -11.38 -9.92 -10.04
C LEU B 185 -12.79 -9.83 -9.48
N GLN B 186 -13.77 -9.58 -10.34
CA GLN B 186 -15.16 -9.50 -9.92
C GLN B 186 -15.70 -10.89 -9.62
N PRO B 187 -16.79 -10.98 -8.83
CA PRO B 187 -17.38 -12.28 -8.49
C PRO B 187 -17.58 -13.15 -9.73
N GLY B 188 -17.25 -14.43 -9.61
CA GLY B 188 -17.38 -15.33 -10.75
C GLY B 188 -16.12 -16.12 -10.99
N LYS B 189 -15.97 -16.64 -12.19
CA LYS B 189 -14.80 -17.44 -12.56
C LYS B 189 -13.90 -16.69 -13.53
N HIS B 190 -12.59 -16.83 -13.34
CA HIS B 190 -11.62 -16.15 -14.19
C HIS B 190 -10.53 -17.09 -14.65
N ARG B 191 -10.01 -16.85 -15.85
CA ARG B 191 -8.94 -17.66 -16.40
C ARG B 191 -7.85 -16.67 -16.79
N LEU B 192 -6.77 -16.66 -16.03
CA LEU B 192 -5.66 -15.75 -16.30
C LEU B 192 -4.51 -16.48 -16.98
N HIS B 193 -4.11 -15.97 -18.14
CA HIS B 193 -3.00 -16.55 -18.89
C HIS B 193 -1.74 -15.83 -18.42
N VAL B 194 -0.86 -16.56 -17.75
CA VAL B 194 0.38 -15.99 -17.24
C VAL B 194 1.58 -16.65 -17.93
N ASP B 195 1.49 -16.76 -19.25
CA ASP B 195 2.55 -17.39 -20.03
C ASP B 195 3.09 -16.46 -21.13
N THR B 196 3.07 -15.16 -20.87
CA THR B 196 3.56 -14.18 -21.85
C THR B 196 5.09 -14.19 -21.84
N GLY B 197 5.67 -14.56 -20.71
CA GLY B 197 7.11 -14.58 -20.57
C GLY B 197 7.59 -13.34 -19.84
N MET B 198 6.64 -12.43 -19.57
CA MET B 198 6.92 -11.19 -18.87
C MET B 198 6.67 -11.34 -17.38
N GLU B 199 6.06 -12.46 -16.99
CA GLU B 199 5.73 -12.72 -15.60
C GLU B 199 6.92 -12.78 -14.64
N GLY B 200 6.69 -12.28 -13.43
CA GLY B 200 7.73 -12.29 -12.41
C GLY B 200 7.58 -13.59 -11.61
N SER B 201 8.30 -13.71 -10.50
CA SER B 201 8.24 -14.92 -9.71
C SER B 201 7.07 -15.02 -8.72
N TRP B 202 6.59 -13.88 -8.22
CA TRP B 202 5.50 -13.90 -7.25
C TRP B 202 4.15 -13.43 -7.78
N CYS B 203 3.10 -13.72 -7.00
CA CYS B 203 1.74 -13.32 -7.33
C CYS B 203 0.92 -13.45 -6.06
N GLY B 204 -0.32 -12.97 -6.07
CA GLY B 204 -1.14 -13.07 -4.88
C GLY B 204 -2.60 -12.70 -5.03
N LEU B 205 -3.41 -13.14 -4.06
CA LEU B 205 -4.83 -12.84 -4.02
C LEU B 205 -5.07 -12.06 -2.74
N ILE B 206 -5.50 -10.80 -2.88
CA ILE B 206 -5.74 -9.95 -1.72
C ILE B 206 -7.22 -9.62 -1.54
N PRO B 207 -7.82 -10.06 -0.42
CA PRO B 207 -9.23 -9.80 -0.14
C PRO B 207 -9.46 -8.41 0.48
N VAL B 208 -9.08 -7.37 -0.26
CA VAL B 208 -9.27 -6.01 0.24
C VAL B 208 -10.78 -5.83 0.30
N GLY B 209 -11.31 -4.77 0.88
CA GLY B 209 -12.76 -4.65 0.89
C GLY B 209 -13.53 -5.59 1.82
N GLN B 210 -13.67 -6.86 1.45
CA GLN B 210 -14.39 -7.78 2.32
C GLN B 210 -13.85 -9.20 2.19
N PRO B 211 -14.12 -10.06 3.19
CA PRO B 211 -13.64 -11.44 3.15
C PRO B 211 -14.28 -12.22 2.01
N CYS B 212 -13.49 -13.01 1.30
CA CYS B 212 -14.00 -13.81 0.20
C CYS B 212 -14.10 -15.22 0.78
N ASN B 213 -15.31 -15.62 1.15
CA ASN B 213 -15.53 -16.91 1.78
C ASN B 213 -15.50 -18.16 0.92
N GLN B 214 -15.43 -18.01 -0.40
CA GLN B 214 -15.40 -19.18 -1.28
C GLN B 214 -14.47 -18.97 -2.45
N VAL B 215 -13.18 -19.19 -2.21
CA VAL B 215 -12.18 -19.02 -3.26
C VAL B 215 -11.61 -20.37 -3.68
N THR B 216 -11.56 -20.60 -4.99
CA THR B 216 -11.05 -21.83 -5.57
C THR B 216 -10.07 -21.45 -6.67
N THR B 217 -8.87 -22.01 -6.63
CA THR B 217 -7.87 -21.68 -7.65
C THR B 217 -7.17 -22.87 -8.30
N THR B 218 -6.46 -22.57 -9.39
CA THR B 218 -5.71 -23.54 -10.18
C THR B 218 -4.44 -22.84 -10.64
N GLY B 219 -3.35 -23.60 -10.80
CA GLY B 219 -2.11 -23.01 -11.29
C GLY B 219 -1.21 -22.29 -10.32
N LEU B 220 -1.50 -22.34 -9.04
CA LEU B 220 -0.66 -21.68 -8.04
C LEU B 220 0.05 -22.74 -7.21
N LYS B 221 1.12 -22.35 -6.53
CA LYS B 221 1.84 -23.29 -5.70
C LYS B 221 0.98 -23.62 -4.49
N TRP B 222 0.30 -22.58 -3.99
CA TRP B 222 -0.60 -22.72 -2.85
C TRP B 222 -2.02 -22.41 -3.32
N ASN B 223 -2.70 -23.42 -3.83
CA ASN B 223 -4.07 -23.23 -4.31
C ASN B 223 -5.08 -23.15 -3.19
N LEU B 224 -6.28 -22.70 -3.53
CA LEU B 224 -7.35 -22.60 -2.56
C LEU B 224 -8.50 -23.44 -3.08
N THR B 225 -9.15 -24.17 -2.18
CA THR B 225 -10.27 -25.02 -2.55
C THR B 225 -11.45 -24.63 -1.68
N ASN B 226 -12.31 -23.77 -2.21
CA ASN B 226 -13.47 -23.28 -1.49
C ASN B 226 -13.04 -22.80 -0.10
N ASP B 227 -11.92 -22.09 -0.07
CA ASP B 227 -11.38 -21.55 1.18
C ASP B 227 -11.74 -20.09 1.41
N VAL B 228 -11.44 -19.61 2.60
CA VAL B 228 -11.73 -18.25 3.00
C VAL B 228 -10.48 -17.36 2.94
N LEU B 229 -10.60 -16.24 2.24
CA LEU B 229 -9.50 -15.28 2.15
C LEU B 229 -9.98 -13.99 2.79
N GLY B 230 -9.28 -13.57 3.83
CA GLY B 230 -9.65 -12.35 4.52
C GLY B 230 -8.53 -11.89 5.42
N PHE B 231 -8.36 -10.58 5.55
CA PHE B 231 -7.30 -10.05 6.41
C PHE B 231 -7.47 -10.55 7.84
N GLY B 232 -6.38 -11.05 8.41
CA GLY B 232 -6.42 -11.56 9.77
C GLY B 232 -6.71 -13.05 9.77
N THR B 233 -7.21 -13.55 8.65
CA THR B 233 -7.52 -14.96 8.53
C THR B 233 -6.55 -15.63 7.56
N LEU B 234 -6.56 -15.16 6.31
CA LEU B 234 -5.67 -15.69 5.30
C LEU B 234 -5.59 -14.79 4.08
N VAL B 235 -4.38 -14.30 3.82
CA VAL B 235 -4.14 -13.45 2.66
C VAL B 235 -3.04 -14.15 1.86
N SER B 236 -3.25 -14.31 0.56
CA SER B 236 -2.27 -14.97 -0.26
C SER B 236 -1.23 -14.02 -0.85
N THR B 237 -0.05 -14.00 -0.26
CA THR B 237 1.06 -13.16 -0.71
C THR B 237 2.28 -14.05 -0.90
N SER B 238 3.19 -13.65 -1.79
CA SER B 238 4.39 -14.44 -2.06
C SER B 238 4.04 -15.82 -2.59
N ASN B 239 2.91 -15.90 -3.31
CA ASN B 239 2.48 -17.15 -3.89
C ASN B 239 3.27 -17.25 -5.20
N THR B 240 3.23 -18.39 -5.85
CA THR B 240 3.95 -18.55 -7.12
C THR B 240 3.16 -19.47 -8.05
N TYR B 241 3.68 -19.69 -9.26
CA TYR B 241 2.98 -20.53 -10.23
C TYR B 241 3.43 -21.98 -10.26
N ASP B 242 2.55 -22.85 -10.73
CA ASP B 242 2.86 -24.27 -10.81
C ASP B 242 3.50 -24.62 -12.14
N GLY B 243 3.67 -23.62 -12.99
CA GLY B 243 4.31 -23.83 -14.27
C GLY B 243 3.40 -24.16 -15.45
N SER B 244 2.12 -24.34 -15.20
CA SER B 244 1.19 -24.67 -16.27
C SER B 244 0.96 -23.51 -17.22
N GLY B 245 1.24 -22.30 -16.76
CA GLY B 245 1.04 -21.12 -17.59
C GLY B 245 -0.39 -20.61 -17.51
N LEU B 246 -1.17 -21.22 -16.63
CA LEU B 246 -2.56 -20.81 -16.46
C LEU B 246 -2.98 -20.75 -14.99
N VAL B 247 -3.76 -19.74 -14.67
CA VAL B 247 -4.27 -19.57 -13.32
C VAL B 247 -5.76 -19.30 -13.42
N THR B 248 -6.56 -20.11 -12.73
CA THR B 248 -8.00 -19.90 -12.75
C THR B 248 -8.41 -19.53 -11.34
N VAL B 249 -9.36 -18.61 -11.22
CA VAL B 249 -9.83 -18.18 -9.92
C VAL B 249 -11.34 -17.98 -9.85
N GLU B 250 -12.00 -18.71 -8.95
CA GLU B 250 -13.45 -18.56 -8.69
C GLU B 250 -13.57 -17.88 -7.31
N THR B 251 -14.22 -16.70 -7.26
CA THR B 251 -14.45 -15.96 -5.99
C THR B 251 -15.89 -15.48 -5.86
N ASP B 252 -16.36 -15.38 -4.62
CA ASP B 252 -17.71 -14.95 -4.31
C ASP B 252 -17.81 -13.43 -4.18
N HIS B 253 -16.67 -12.78 -3.93
CA HIS B 253 -16.62 -11.33 -3.79
C HIS B 253 -15.41 -10.78 -4.53
N PRO B 254 -15.37 -9.45 -4.76
CA PRO B 254 -14.24 -8.85 -5.46
C PRO B 254 -12.91 -9.26 -4.83
N LEU B 255 -12.03 -9.85 -5.63
CA LEU B 255 -10.73 -10.30 -5.13
C LEU B 255 -9.62 -9.65 -5.93
N LEU B 256 -8.70 -8.98 -5.25
CA LEU B 256 -7.61 -8.31 -5.91
C LEU B 256 -6.45 -9.22 -6.29
N TRP B 257 -6.20 -9.32 -7.59
CA TRP B 257 -5.11 -10.14 -8.09
C TRP B 257 -3.88 -9.26 -8.29
N THR B 258 -2.74 -9.72 -7.79
CA THR B 258 -1.50 -8.98 -7.94
C THR B 258 -0.43 -9.96 -8.41
N MET B 259 0.47 -9.49 -9.28
CA MET B 259 1.51 -10.35 -9.81
C MET B 259 2.78 -9.57 -10.13
N ALA B 260 3.91 -10.29 -10.13
CA ALA B 260 5.20 -9.70 -10.41
C ALA B 260 5.44 -9.58 -11.91
N ILE B 261 6.21 -8.56 -12.28
CA ILE B 261 6.57 -8.32 -13.67
C ILE B 261 8.07 -8.55 -13.74
N LYS B 262 8.51 -9.35 -14.71
CA LYS B 262 9.93 -9.68 -14.85
C LYS B 262 10.85 -8.48 -14.89
N SER B 263 12.00 -8.66 -14.21
CA SER B 263 13.09 -7.69 -14.02
C SER B 263 13.01 -6.42 -14.86
#